data_5OUF
#
_entry.id   5OUF
#
_cell.length_a   85.540
_cell.length_b   91.940
_cell.length_c   162.010
_cell.angle_alpha   90.00
_cell.angle_beta   90.00
_cell.angle_gamma   90.00
#
_symmetry.space_group_name_H-M   'I 2 2 2'
#
loop_
_entity.id
_entity.type
_entity.pdbx_description
1 polymer 'OphA peptide N-methyltransferase'
2 non-polymer SINEFUNGIN
3 non-polymer 'BICARBONATE ION'
4 non-polymer 'THIOCYANATE ION'
5 water water
#
_entity_poly.entity_id   1
_entity_poly.type   'polypeptide(L)'
_entity_poly.pdbx_seq_one_letter_code
;GTSTQTKAGSLTIVGTGIESIGQMTLQALSYIEAAAKVFYCVIDPATEAFILTKNKNCVDLYQYYDNGKSRLNTYTQMSE
LMVREVRKGLDVVGVFYGHPGVFVNPSHRALAIAKSEGYRARMLPGVSAEDCLFADLCIDPSNPGCLTYEASDFLIRDRP
VSIHSHLVLFQVGCVGIADFNFTGFDNNKFGVLVDRLEQEYGAEHPVVHYIAAMMPHQDPVTDKYTVAQLREPEIAKRVG
GVSTFYIPPKARKASNLDIIRRLELLPAGQVPDKKARIYPANQWEPDVPEVEPYRPSDQAAIAQLADHAPPEQYQPLATS
KAMSDVMTKLALDPKALADYKADHRAFAQSVPDLTPQERAALELGDSWAIRCAMKNMPSSLLDAARESGEEASQNGFPA
(MVA)(IML)VVGVIGVIG
;
_entity_poly.pdbx_strand_id   A
#
# COMPACT_ATOMS: atom_id res chain seq x y z
N THR A 6 8.26 -23.21 -20.20
CA THR A 6 8.44 -21.80 -19.73
C THR A 6 9.33 -21.02 -20.71
N LYS A 7 8.74 -20.00 -21.35
CA LYS A 7 9.47 -19.07 -22.22
C LYS A 7 10.48 -18.29 -21.42
N ALA A 8 11.62 -18.01 -22.06
CA ALA A 8 12.54 -17.03 -21.54
C ALA A 8 11.87 -15.66 -21.55
N GLY A 9 12.14 -14.87 -20.52
CA GLY A 9 11.64 -13.51 -20.44
C GLY A 9 10.60 -13.42 -19.34
N SER A 10 10.75 -12.42 -18.49
CA SER A 10 9.78 -12.17 -17.45
C SER A 10 9.72 -10.67 -17.17
N LEU A 11 8.58 -10.25 -16.66
CA LEU A 11 8.38 -8.87 -16.24
C LEU A 11 7.91 -8.88 -14.79
N THR A 12 8.70 -8.23 -13.95
CA THR A 12 8.33 -8.00 -12.56
C THR A 12 8.29 -6.50 -12.35
N ILE A 13 7.14 -5.98 -11.93
CA ILE A 13 6.98 -4.55 -11.69
C ILE A 13 6.96 -4.37 -10.18
N VAL A 14 7.77 -3.42 -9.71
CA VAL A 14 7.92 -3.15 -8.27
C VAL A 14 7.79 -1.67 -7.97
N GLY A 15 7.62 -1.35 -6.70
CA GLY A 15 7.54 0.01 -6.21
C GLY A 15 8.75 0.42 -5.41
N THR A 16 8.88 1.73 -5.19
CA THR A 16 9.91 2.25 -4.30
C THR A 16 9.33 2.88 -3.03
N GLY A 17 8.00 2.93 -2.92
CA GLY A 17 7.38 3.69 -1.84
C GLY A 17 7.54 5.18 -2.11
N ILE A 18 7.18 6.01 -1.15
CA ILE A 18 7.11 7.45 -1.36
C ILE A 18 8.35 8.15 -0.83
N GLU A 19 8.69 7.90 0.43
CA GLU A 19 9.84 8.51 1.04
C GLU A 19 11.12 7.86 0.53
N SER A 20 12.06 8.71 0.11
CA SER A 20 13.32 8.32 -0.52
C SER A 20 13.98 7.10 0.09
N ILE A 21 14.13 6.04 -0.71
CA ILE A 21 14.92 4.85 -0.39
C ILE A 21 14.32 3.95 0.70
N GLY A 22 14.10 4.51 1.88
CA GLY A 22 13.62 3.73 3.03
C GLY A 22 12.29 3.01 2.85
N GLN A 23 11.42 3.53 1.98
CA GLN A 23 10.11 2.94 1.77
C GLN A 23 10.06 1.89 0.65
N MET A 24 11.22 1.55 0.09
CA MET A 24 11.36 0.39 -0.78
C MET A 24 11.29 -0.87 0.07
N THR A 25 10.58 -1.87 -0.42
CA THR A 25 10.56 -3.16 0.25
C THR A 25 11.82 -3.96 -0.05
N LEU A 26 12.14 -4.90 0.84
CA LEU A 26 13.32 -5.74 0.66
C LEU A 26 13.24 -6.53 -0.65
N GLN A 27 12.05 -7.02 -1.00
CA GLN A 27 11.91 -7.79 -2.24
C GLN A 27 12.00 -6.90 -3.48
N ALA A 28 11.50 -5.68 -3.41
CA ALA A 28 11.68 -4.73 -4.54
C ALA A 28 13.17 -4.57 -4.82
N LEU A 29 13.94 -4.35 -3.76
CA LEU A 29 15.40 -4.22 -3.89
C LEU A 29 16.04 -5.48 -4.47
N SER A 30 15.69 -6.64 -3.93
CA SER A 30 16.29 -7.89 -4.41
C SER A 30 16.01 -8.13 -5.93
N TYR A 31 14.80 -7.81 -6.39
CA TYR A 31 14.46 -7.99 -7.81
C TYR A 31 15.17 -6.97 -8.69
N ILE A 32 15.29 -5.73 -8.22
CA ILE A 32 16.09 -4.73 -8.91
C ILE A 32 17.54 -5.22 -9.09
N GLU A 33 18.13 -5.79 -8.05
CA GLU A 33 19.50 -6.28 -8.13
C GLU A 33 19.64 -7.46 -9.10
N ALA A 34 18.66 -8.37 -9.08
CA ALA A 34 18.69 -9.58 -9.92
C ALA A 34 18.39 -9.35 -11.40
N ALA A 35 17.75 -8.23 -11.74
CA ALA A 35 17.24 -8.00 -13.10
C ALA A 35 18.32 -7.92 -14.15
N ALA A 36 18.02 -8.42 -15.35
CA ALA A 36 18.87 -8.18 -16.53
C ALA A 36 18.79 -6.72 -16.97
N LYS A 37 17.59 -6.14 -16.89
N LYS A 37 17.59 -6.13 -16.88
CA LYS A 37 17.41 -4.72 -17.23
CA LYS A 37 17.37 -4.73 -17.26
C LYS A 37 16.33 -4.10 -16.36
C LYS A 37 16.33 -4.11 -16.35
N VAL A 38 16.56 -2.86 -15.96
CA VAL A 38 15.67 -2.12 -15.08
C VAL A 38 15.15 -0.88 -15.80
N PHE A 39 13.83 -0.69 -15.77
CA PHE A 39 13.21 0.55 -16.24
C PHE A 39 12.55 1.21 -15.05
N TYR A 40 12.80 2.50 -14.85
CA TYR A 40 12.31 3.15 -13.63
C TYR A 40 11.64 4.49 -13.89
N CYS A 41 10.69 4.82 -13.02
CA CYS A 41 10.04 6.10 -13.02
C CYS A 41 9.83 6.52 -11.55
N VAL A 42 10.74 7.37 -11.08
CA VAL A 42 10.74 7.83 -9.68
C VAL A 42 10.82 9.36 -9.66
N ILE A 43 10.49 9.96 -8.53
CA ILE A 43 10.53 11.42 -8.43
C ILE A 43 11.83 11.90 -7.79
N ASP A 44 12.25 11.30 -6.69
CA ASP A 44 13.38 11.93 -6.00
C ASP A 44 14.72 11.38 -6.48
N PRO A 45 15.71 12.26 -6.57
CA PRO A 45 16.99 11.86 -7.13
C PRO A 45 17.82 10.91 -6.30
N ALA A 46 17.65 10.92 -4.98
CA ALA A 46 18.40 10.01 -4.14
C ALA A 46 17.94 8.56 -4.38
N THR A 47 16.63 8.37 -4.54
CA THR A 47 16.09 7.05 -4.90
C THR A 47 16.61 6.63 -6.28
N GLU A 48 16.62 7.57 -7.23
CA GLU A 48 17.18 7.28 -8.56
C GLU A 48 18.64 6.85 -8.48
N ALA A 49 19.45 7.62 -7.74
CA ALA A 49 20.87 7.31 -7.56
C ALA A 49 21.04 5.94 -6.91
N PHE A 50 20.24 5.65 -5.89
CA PHE A 50 20.26 4.36 -5.20
C PHE A 50 20.00 3.20 -6.18
N ILE A 51 18.96 3.34 -6.99
CA ILE A 51 18.65 2.31 -7.99
C ILE A 51 19.84 2.07 -8.92
N LEU A 52 20.45 3.14 -9.42
CA LEU A 52 21.61 3.01 -10.32
C LEU A 52 22.82 2.31 -9.68
N THR A 53 22.97 2.37 -8.35
CA THR A 53 24.02 1.62 -7.66
C THR A 53 23.72 0.13 -7.55
N LYS A 54 22.46 -0.26 -7.75
CA LYS A 54 22.01 -1.65 -7.55
C LYS A 54 21.90 -2.46 -8.83
N ASN A 55 21.88 -1.79 -9.97
CA ASN A 55 21.88 -2.51 -11.26
C ASN A 55 22.60 -1.68 -12.29
N LYS A 56 23.43 -2.34 -13.11
CA LYS A 56 24.24 -1.65 -14.10
C LYS A 56 23.51 -1.34 -15.41
N ASN A 57 22.27 -1.81 -15.57
CA ASN A 57 21.54 -1.69 -16.83
C ASN A 57 20.17 -1.09 -16.59
N CYS A 58 20.15 0.22 -16.33
CA CYS A 58 18.91 0.95 -16.01
C CYS A 58 18.56 1.97 -17.08
N VAL A 59 17.27 2.18 -17.28
CA VAL A 59 16.75 3.20 -18.19
C VAL A 59 15.68 4.00 -17.46
N ASP A 60 15.83 5.33 -17.49
CA ASP A 60 14.85 6.23 -16.93
C ASP A 60 13.67 6.40 -17.89
N LEU A 61 12.50 5.91 -17.47
CA LEU A 61 11.26 6.08 -18.24
C LEU A 61 10.74 7.51 -18.28
N TYR A 62 11.18 8.35 -17.35
CA TYR A 62 10.66 9.70 -17.22
C TYR A 62 10.97 10.54 -18.44
N GLN A 63 12.05 10.20 -19.17
CA GLN A 63 12.40 10.89 -20.41
C GLN A 63 11.38 10.74 -21.55
N TYR A 64 10.39 9.85 -21.40
CA TYR A 64 9.34 9.67 -22.41
C TYR A 64 8.11 10.55 -22.20
N TYR A 65 8.10 11.33 -21.11
CA TYR A 65 7.17 12.46 -21.02
C TYR A 65 7.67 13.59 -21.91
N ASP A 66 6.76 14.46 -22.32
CA ASP A 66 7.16 15.73 -22.96
C ASP A 66 6.05 16.79 -22.89
N ASN A 67 6.47 18.05 -23.06
CA ASN A 67 5.55 19.18 -23.02
C ASN A 67 4.49 19.03 -24.10
N GLY A 68 3.22 19.13 -23.68
CA GLY A 68 2.09 19.00 -24.58
C GLY A 68 1.91 17.62 -25.20
N LYS A 69 2.64 16.62 -24.70
CA LYS A 69 2.57 15.25 -25.22
C LYS A 69 1.57 14.51 -24.36
N SER A 70 0.60 13.86 -25.02
CA SER A 70 -0.42 13.09 -24.33
C SER A 70 0.25 12.08 -23.41
N ARG A 71 -0.17 12.05 -22.15
CA ARG A 71 0.38 11.08 -21.20
C ARG A 71 0.08 9.65 -21.68
N LEU A 72 -1.08 9.44 -22.32
CA LEU A 72 -1.39 8.15 -22.91
C LEU A 72 -0.31 7.66 -23.90
N ASN A 73 0.21 8.55 -24.74
CA ASN A 73 1.28 8.16 -25.68
C ASN A 73 2.57 7.81 -24.95
N THR A 74 2.90 8.59 -23.93
CA THR A 74 4.02 8.28 -23.05
C THR A 74 3.85 6.88 -22.42
N TYR A 75 2.66 6.58 -21.92
CA TYR A 75 2.43 5.29 -21.23
C TYR A 75 2.57 4.09 -22.17
N THR A 76 2.06 4.24 -23.39
CA THR A 76 2.25 3.20 -24.41
C THR A 76 3.72 2.94 -24.64
N GLN A 77 4.50 4.02 -24.77
CA GLN A 77 5.94 3.91 -25.00
C GLN A 77 6.65 3.27 -23.81
N MET A 78 6.34 3.73 -22.59
CA MET A 78 6.93 3.16 -21.39
C MET A 78 6.71 1.64 -21.32
N SER A 79 5.47 1.23 -21.54
N SER A 79 5.47 1.24 -21.54
CA SER A 79 5.10 -0.17 -21.51
CA SER A 79 5.09 -0.16 -21.51
C SER A 79 5.85 -0.96 -22.59
C SER A 79 5.83 -0.95 -22.59
N GLU A 80 5.91 -0.38 -23.79
CA GLU A 80 6.56 -1.09 -24.92
C GLU A 80 8.05 -1.27 -24.73
N LEU A 81 8.73 -0.30 -24.13
CA LEU A 81 10.15 -0.43 -23.83
C LEU A 81 10.42 -1.64 -22.93
N MET A 82 9.57 -1.85 -21.92
CA MET A 82 9.72 -3.00 -21.03
C MET A 82 9.40 -4.32 -21.74
N VAL A 83 8.27 -4.37 -22.42
CA VAL A 83 7.82 -5.61 -23.06
C VAL A 83 8.76 -6.03 -24.20
N ARG A 84 9.37 -5.07 -24.90
CA ARG A 84 10.39 -5.42 -25.91
C ARG A 84 11.52 -6.26 -25.32
N GLU A 85 12.00 -5.88 -24.14
CA GLU A 85 13.10 -6.59 -23.49
C GLU A 85 12.65 -7.95 -22.96
N VAL A 86 11.40 -8.05 -22.51
CA VAL A 86 10.80 -9.34 -22.11
C VAL A 86 10.80 -10.28 -23.31
N ARG A 87 10.35 -9.78 -24.45
CA ARG A 87 10.29 -10.59 -25.71
C ARG A 87 11.65 -11.12 -26.15
N LYS A 88 12.71 -10.35 -25.89
CA LYS A 88 14.09 -10.77 -26.16
C LYS A 88 14.59 -11.89 -25.24
N GLY A 89 13.82 -12.19 -24.18
CA GLY A 89 14.12 -13.25 -23.24
C GLY A 89 14.78 -12.79 -21.95
N LEU A 90 14.71 -11.50 -21.64
CA LEU A 90 15.37 -10.97 -20.45
C LEU A 90 14.41 -10.94 -19.26
N ASP A 91 14.99 -11.04 -18.06
CA ASP A 91 14.26 -10.82 -16.82
C ASP A 91 14.30 -9.31 -16.56
N VAL A 92 13.15 -8.69 -16.80
CA VAL A 92 13.00 -7.24 -16.79
C VAL A 92 12.29 -6.85 -15.49
N VAL A 93 12.78 -5.79 -14.86
CA VAL A 93 12.12 -5.18 -13.72
C VAL A 93 11.75 -3.75 -14.05
N GLY A 94 10.47 -3.42 -13.90
CA GLY A 94 9.97 -2.05 -14.00
C GLY A 94 9.78 -1.51 -12.60
N VAL A 95 10.15 -0.26 -12.37
CA VAL A 95 10.16 0.33 -11.04
C VAL A 95 9.34 1.62 -11.12
N PHE A 96 8.29 1.72 -10.32
CA PHE A 96 7.51 2.94 -10.23
C PHE A 96 7.44 3.41 -8.80
N TYR A 97 7.49 4.71 -8.62
CA TYR A 97 7.42 5.19 -7.25
C TYR A 97 6.09 4.87 -6.56
N GLY A 98 6.14 4.76 -5.24
CA GLY A 98 4.99 4.39 -4.45
C GLY A 98 4.68 2.91 -4.61
N HIS A 99 3.39 2.64 -4.81
CA HIS A 99 2.91 1.32 -5.23
C HIS A 99 2.79 1.39 -6.76
N PRO A 100 3.37 0.42 -7.46
CA PRO A 100 3.47 0.58 -8.92
C PRO A 100 2.17 0.36 -9.70
N GLY A 101 1.10 -0.07 -9.02
CA GLY A 101 -0.22 -0.25 -9.61
C GLY A 101 -1.29 0.66 -9.08
N VAL A 102 -0.90 1.68 -8.30
CA VAL A 102 -1.82 2.64 -7.69
C VAL A 102 -1.71 3.97 -8.45
N PHE A 103 -2.75 4.27 -9.23
CA PHE A 103 -2.76 5.41 -10.14
C PHE A 103 -1.56 5.36 -11.11
N VAL A 104 -1.33 4.18 -11.69
CA VAL A 104 -0.25 4.01 -12.66
C VAL A 104 -0.79 3.24 -13.86
N ASN A 105 -0.80 3.88 -15.03
CA ASN A 105 -1.24 3.24 -16.29
C ASN A 105 -0.24 2.21 -16.86
N PRO A 106 1.03 2.60 -17.06
CA PRO A 106 1.88 1.74 -17.92
C PRO A 106 2.28 0.37 -17.31
N SER A 107 2.29 0.29 -15.99
CA SER A 107 2.57 -0.98 -15.31
C SER A 107 1.53 -2.04 -15.63
N HIS A 108 0.26 -1.69 -15.44
CA HIS A 108 -0.83 -2.63 -15.73
C HIS A 108 -0.85 -3.02 -17.21
N ARG A 109 -0.59 -2.04 -18.08
CA ARG A 109 -0.53 -2.29 -19.52
C ARG A 109 0.55 -3.31 -19.87
N ALA A 110 1.77 -3.06 -19.40
CA ALA A 110 2.92 -3.92 -19.71
C ALA A 110 2.73 -5.34 -19.18
N LEU A 111 2.24 -5.45 -17.94
CA LEU A 111 1.99 -6.76 -17.35
C LEU A 111 0.92 -7.55 -18.09
N ALA A 112 -0.16 -6.89 -18.49
CA ALA A 112 -1.24 -7.55 -19.24
C ALA A 112 -0.75 -8.05 -20.60
N ILE A 113 0.08 -7.25 -21.27
CA ILE A 113 0.63 -7.64 -22.58
C ILE A 113 1.57 -8.83 -22.41
N ALA A 114 2.46 -8.75 -21.42
CA ALA A 114 3.40 -9.84 -21.13
C ALA A 114 2.67 -11.14 -20.83
N LYS A 115 1.67 -11.05 -19.97
CA LYS A 115 0.83 -12.20 -19.61
C LYS A 115 0.11 -12.78 -20.84
N SER A 116 -0.46 -11.93 -21.68
CA SER A 116 -1.20 -12.38 -22.87
C SER A 116 -0.29 -13.08 -23.89
N GLU A 117 0.99 -12.70 -23.92
CA GLU A 117 1.98 -13.35 -24.80
C GLU A 117 2.68 -14.56 -24.18
N GLY A 118 2.26 -14.95 -22.96
CA GLY A 118 2.71 -16.17 -22.31
C GLY A 118 4.00 -16.07 -21.52
N TYR A 119 4.39 -14.85 -21.14
CA TYR A 119 5.58 -14.62 -20.31
C TYR A 119 5.18 -14.55 -18.85
N ARG A 120 6.11 -14.89 -17.96
N ARG A 120 6.12 -14.88 -17.96
CA ARG A 120 5.92 -14.71 -16.52
CA ARG A 120 5.93 -14.70 -16.52
C ARG A 120 5.75 -13.22 -16.26
C ARG A 120 5.76 -13.21 -16.26
N ALA A 121 4.75 -12.86 -15.45
CA ALA A 121 4.42 -11.47 -15.19
C ALA A 121 3.89 -11.35 -13.77
N ARG A 122 4.46 -10.45 -12.99
CA ARG A 122 4.03 -10.24 -11.61
C ARG A 122 4.24 -8.79 -11.19
N MET A 123 3.30 -8.27 -10.43
CA MET A 123 3.46 -7.02 -9.73
C MET A 123 3.72 -7.29 -8.25
N LEU A 124 4.77 -6.66 -7.70
CA LEU A 124 5.02 -6.67 -6.28
C LEU A 124 4.47 -5.36 -5.71
N PRO A 125 3.63 -5.46 -4.67
CA PRO A 125 3.04 -4.25 -4.08
C PRO A 125 4.08 -3.38 -3.38
N GLY A 126 3.78 -2.08 -3.29
CA GLY A 126 4.60 -1.16 -2.53
C GLY A 126 3.75 -0.22 -1.71
N VAL A 127 4.44 0.64 -0.99
CA VAL A 127 3.82 1.65 -0.13
C VAL A 127 3.32 2.81 -0.96
N SER A 128 2.01 3.03 -1.00
CA SER A 128 1.41 4.13 -1.76
C SER A 128 1.33 5.42 -0.96
N ALA A 129 0.99 6.50 -1.65
CA ALA A 129 0.74 7.77 -0.99
C ALA A 129 -0.44 7.69 -0.02
N GLU A 130 -1.40 6.83 -0.32
CA GLU A 130 -2.52 6.61 0.58
C GLU A 130 -2.07 5.89 1.85
N ASP A 131 -1.16 4.92 1.72
CA ASP A 131 -0.54 4.28 2.89
C ASP A 131 0.16 5.33 3.76
N CYS A 132 0.89 6.25 3.12
CA CYS A 132 1.55 7.34 3.85
C CYS A 132 0.52 8.23 4.53
N LEU A 133 -0.55 8.53 3.82
CA LEU A 133 -1.63 9.38 4.33
C LEU A 133 -2.20 8.80 5.61
N PHE A 134 -2.54 7.50 5.61
CA PHE A 134 -3.03 6.86 6.85
C PHE A 134 -2.04 7.03 8.01
N ALA A 135 -0.76 6.81 7.72
CA ALA A 135 0.27 6.88 8.76
C ALA A 135 0.45 8.30 9.31
N ASP A 136 0.48 9.29 8.41
CA ASP A 136 0.79 10.68 8.77
C ASP A 136 -0.42 11.45 9.32
N LEU A 137 -1.61 11.16 8.80
CA LEU A 137 -2.83 11.78 9.31
C LEU A 137 -3.44 11.04 10.50
N CYS A 138 -2.88 9.87 10.83
CA CYS A 138 -3.29 9.08 11.99
C CYS A 138 -4.75 8.64 11.87
N ILE A 139 -5.08 8.05 10.72
CA ILE A 139 -6.40 7.49 10.48
C ILE A 139 -6.27 6.05 10.00
N ASP A 140 -7.37 5.32 10.13
CA ASP A 140 -7.44 3.92 9.77
C ASP A 140 -8.58 3.82 8.78
N PRO A 141 -8.32 3.25 7.57
CA PRO A 141 -9.43 3.12 6.63
C PRO A 141 -10.66 2.40 7.19
N SER A 142 -10.44 1.47 8.14
CA SER A 142 -11.50 0.73 8.82
C SER A 142 -12.59 1.60 9.47
N ASN A 143 -12.15 2.73 10.00
CA ASN A 143 -12.96 3.57 10.88
C ASN A 143 -12.99 4.98 10.27
N PRO A 144 -13.95 5.30 9.38
CA PRO A 144 -15.20 4.58 9.18
C PRO A 144 -15.46 4.18 7.71
N GLY A 145 -14.46 3.56 7.09
CA GLY A 145 -14.53 3.21 5.67
C GLY A 145 -13.80 4.25 4.86
N CYS A 146 -13.33 3.86 3.67
CA CYS A 146 -12.52 4.77 2.85
C CYS A 146 -12.91 4.70 1.38
N LEU A 147 -13.20 5.87 0.81
CA LEU A 147 -13.50 6.05 -0.61
C LEU A 147 -12.32 6.77 -1.23
N THR A 148 -11.75 6.19 -2.26
CA THR A 148 -10.54 6.70 -2.91
C THR A 148 -10.79 6.89 -4.39
N TYR A 149 -10.54 8.10 -4.89
CA TYR A 149 -10.76 8.45 -6.29
C TYR A 149 -9.63 9.27 -6.89
N GLU A 150 -9.52 9.20 -8.21
CA GLU A 150 -8.75 10.15 -9.01
C GLU A 150 -9.61 11.41 -9.14
N ALA A 151 -9.03 12.60 -8.91
CA ALA A 151 -9.82 13.85 -8.80
C ALA A 151 -10.60 14.24 -10.07
N SER A 152 -10.01 14.07 -11.25
CA SER A 152 -10.74 14.36 -12.50
C SER A 152 -11.89 13.37 -12.72
N ASP A 153 -11.61 12.08 -12.53
CA ASP A 153 -12.61 11.03 -12.62
C ASP A 153 -13.77 11.24 -11.63
N PHE A 154 -13.42 11.61 -10.41
CA PHE A 154 -14.38 12.00 -9.36
C PHE A 154 -15.41 13.00 -9.89
N LEU A 155 -14.94 14.01 -10.62
CA LEU A 155 -15.81 15.04 -11.19
C LEU A 155 -16.53 14.56 -12.45
N ILE A 156 -15.77 14.03 -13.40
CA ILE A 156 -16.30 13.69 -14.74
C ILE A 156 -17.37 12.61 -14.64
N ARG A 157 -17.17 11.61 -13.78
CA ARG A 157 -18.15 10.53 -13.64
C ARG A 157 -19.02 10.64 -12.37
N ASP A 158 -18.97 11.82 -11.74
CA ASP A 158 -19.84 12.15 -10.62
C ASP A 158 -19.84 11.04 -9.57
N ARG A 159 -18.63 10.65 -9.15
CA ARG A 159 -18.43 9.53 -8.23
C ARG A 159 -19.04 9.90 -6.87
N PRO A 160 -19.74 8.96 -6.22
CA PRO A 160 -20.42 9.30 -4.95
C PRO A 160 -19.47 9.55 -3.78
N VAL A 161 -19.82 10.50 -2.92
CA VAL A 161 -19.16 10.62 -1.63
C VAL A 161 -20.05 10.05 -0.55
N SER A 162 -19.42 9.67 0.55
CA SER A 162 -20.12 9.35 1.78
C SER A 162 -19.65 10.32 2.84
N ILE A 163 -20.57 11.13 3.35
CA ILE A 163 -20.26 12.06 4.44
C ILE A 163 -19.93 11.35 5.75
N HIS A 164 -20.17 10.04 5.82
CA HIS A 164 -19.86 9.24 7.00
C HIS A 164 -18.55 8.45 6.93
N SER A 165 -17.84 8.52 5.79
CA SER A 165 -16.58 7.79 5.59
C SER A 165 -15.45 8.72 5.17
N HIS A 166 -14.22 8.22 5.24
CA HIS A 166 -13.06 8.94 4.70
C HIS A 166 -13.22 9.16 3.18
N LEU A 167 -12.71 10.29 2.69
CA LEU A 167 -12.58 10.52 1.23
C LEU A 167 -11.13 10.90 0.94
N VAL A 168 -10.52 10.20 -0.02
CA VAL A 168 -9.16 10.49 -0.46
C VAL A 168 -9.19 10.75 -1.97
N LEU A 169 -8.64 11.90 -2.38
CA LEU A 169 -8.57 12.29 -3.79
C LEU A 169 -7.12 12.46 -4.24
N PHE A 170 -6.70 11.66 -5.21
CA PHE A 170 -5.39 11.75 -5.84
C PHE A 170 -5.44 12.68 -7.05
N GLN A 171 -4.28 13.22 -7.44
CA GLN A 171 -4.15 14.03 -8.68
C GLN A 171 -5.01 15.30 -8.69
N VAL A 172 -5.17 15.89 -7.51
CA VAL A 172 -5.90 17.15 -7.36
C VAL A 172 -5.13 18.34 -7.98
N GLY A 173 -3.84 18.16 -8.28
CA GLY A 173 -3.04 19.20 -8.97
C GLY A 173 -3.10 19.29 -10.49
N CYS A 174 -3.86 18.41 -11.14
CA CYS A 174 -3.98 18.38 -12.59
C CYS A 174 -5.41 18.03 -13.01
N VAL A 175 -6.36 18.76 -12.42
CA VAL A 175 -7.78 18.57 -12.68
C VAL A 175 -8.09 18.87 -14.16
N GLY A 176 -8.60 17.88 -14.87
CA GLY A 176 -8.93 18.00 -16.29
C GLY A 176 -7.77 18.08 -17.28
N ILE A 177 -6.56 17.70 -16.87
CA ILE A 177 -5.36 17.83 -17.72
C ILE A 177 -4.85 16.44 -18.14
N ALA A 178 -4.84 16.18 -19.45
CA ALA A 178 -4.41 14.86 -19.97
C ALA A 178 -2.96 14.83 -20.46
N ASP A 179 -2.31 15.99 -20.51
CA ASP A 179 -0.94 16.06 -21.03
C ASP A 179 0.05 16.32 -19.88
N PHE A 180 1.15 16.97 -20.20
CA PHE A 180 2.30 17.04 -19.32
C PHE A 180 3.04 18.32 -19.65
N ASN A 181 3.64 18.91 -18.65
CA ASN A 181 4.63 19.96 -18.84
C ASN A 181 5.67 19.79 -17.76
N PHE A 182 6.94 19.88 -18.14
CA PHE A 182 8.06 19.72 -17.20
C PHE A 182 8.05 20.78 -16.09
N THR A 183 7.53 21.98 -16.36
CA THR A 183 7.44 23.06 -15.36
C THR A 183 6.17 23.02 -14.49
N GLY A 184 5.38 21.95 -14.60
CA GLY A 184 4.20 21.79 -13.78
C GLY A 184 2.93 22.15 -14.51
N PHE A 185 1.82 21.86 -13.85
CA PHE A 185 0.50 22.00 -14.44
C PHE A 185 -0.05 23.38 -14.13
N ASP A 186 -0.66 23.98 -15.14
CA ASP A 186 -1.47 25.17 -14.98
C ASP A 186 -2.87 24.68 -14.57
N ASN A 187 -3.08 24.53 -13.25
CA ASN A 187 -4.26 23.85 -12.68
C ASN A 187 -5.47 24.79 -12.63
N ASN A 188 -5.84 25.31 -13.80
CA ASN A 188 -6.85 26.36 -13.94
C ASN A 188 -8.28 25.92 -13.68
N LYS A 189 -8.53 24.60 -13.71
CA LYS A 189 -9.85 24.03 -13.44
C LYS A 189 -10.02 23.49 -12.02
N PHE A 190 -9.07 23.82 -11.14
CA PHE A 190 -9.14 23.48 -9.71
C PHE A 190 -10.44 23.94 -9.04
N GLY A 191 -10.92 25.12 -9.40
CA GLY A 191 -12.21 25.64 -8.91
C GLY A 191 -13.41 24.73 -9.13
N VAL A 192 -13.37 23.92 -10.18
CA VAL A 192 -14.44 22.93 -10.45
C VAL A 192 -14.45 21.87 -9.36
N LEU A 193 -13.26 21.44 -8.93
CA LEU A 193 -13.17 20.48 -7.81
C LEU A 193 -13.73 21.12 -6.54
N VAL A 194 -13.35 22.36 -6.29
CA VAL A 194 -13.79 23.05 -5.07
C VAL A 194 -15.32 23.19 -5.03
N ASP A 195 -15.94 23.52 -6.17
CA ASP A 195 -17.42 23.58 -6.26
C ASP A 195 -18.09 22.26 -5.87
N ARG A 196 -17.57 21.16 -6.39
CA ARG A 196 -18.07 19.83 -6.03
C ARG A 196 -17.94 19.59 -4.51
N LEU A 197 -16.78 19.88 -3.95
CA LEU A 197 -16.56 19.67 -2.51
C LEU A 197 -17.51 20.55 -1.66
N GLU A 198 -17.78 21.76 -2.12
CA GLU A 198 -18.77 22.63 -1.45
C GLU A 198 -20.17 22.03 -1.48
N GLN A 199 -20.59 21.51 -2.63
CA GLN A 199 -21.92 20.92 -2.78
C GLN A 199 -22.07 19.74 -1.82
N GLU A 200 -21.04 18.90 -1.74
CA GLU A 200 -21.11 17.67 -0.96
C GLU A 200 -20.96 17.89 0.54
N TYR A 201 -20.08 18.80 0.93
CA TYR A 201 -19.66 18.95 2.34
C TYR A 201 -20.00 20.29 3.02
N GLY A 202 -20.22 21.34 2.24
CA GLY A 202 -20.40 22.69 2.76
C GLY A 202 -19.09 23.47 2.77
N ALA A 203 -19.21 24.79 2.73
CA ALA A 203 -18.08 25.71 2.65
C ALA A 203 -17.13 25.69 3.86
N GLU A 204 -17.63 25.34 5.04
CA GLU A 204 -16.81 25.32 6.26
C GLU A 204 -16.24 23.96 6.66
N HIS A 205 -16.49 22.92 5.85
CA HIS A 205 -15.97 21.57 6.15
C HIS A 205 -14.47 21.51 5.89
N PRO A 206 -13.70 20.77 6.73
CA PRO A 206 -12.25 20.75 6.50
C PRO A 206 -11.82 19.87 5.32
N VAL A 207 -10.75 20.29 4.65
CA VAL A 207 -10.06 19.51 3.63
C VAL A 207 -8.59 19.56 4.01
N VAL A 208 -7.95 18.39 4.12
CA VAL A 208 -6.52 18.34 4.45
C VAL A 208 -5.73 18.21 3.17
N HIS A 209 -4.87 19.20 2.94
CA HIS A 209 -3.89 19.15 1.86
C HIS A 209 -2.73 18.33 2.38
N TYR A 210 -2.51 17.18 1.75
CA TYR A 210 -1.50 16.23 2.21
C TYR A 210 -0.39 16.04 1.19
N ILE A 211 0.86 16.23 1.65
CA ILE A 211 2.03 15.85 0.87
C ILE A 211 2.97 15.10 1.82
N ALA A 212 3.12 13.80 1.58
CA ALA A 212 4.08 12.98 2.29
C ALA A 212 5.50 13.49 2.04
N ALA A 213 6.30 13.46 3.09
CA ALA A 213 7.72 13.75 2.97
C ALA A 213 8.35 12.79 1.96
N MET A 214 9.12 13.33 1.03
CA MET A 214 9.84 12.53 0.06
C MET A 214 11.28 12.32 0.46
N MET A 215 11.83 13.18 1.31
CA MET A 215 13.18 12.98 1.80
C MET A 215 13.12 12.66 3.30
N PRO A 216 14.07 11.88 3.81
CA PRO A 216 13.93 11.32 5.17
C PRO A 216 13.87 12.34 6.31
N HIS A 217 14.45 13.51 6.10
CA HIS A 217 14.48 14.58 7.11
C HIS A 217 13.30 15.57 7.09
N GLN A 218 12.46 15.48 6.06
N GLN A 218 12.44 15.52 6.08
CA GLN A 218 11.32 16.37 5.84
CA GLN A 218 11.38 16.50 5.95
C GLN A 218 10.16 15.99 6.73
C GLN A 218 10.12 16.01 6.61
N ASP A 219 9.29 16.96 7.01
CA ASP A 219 8.00 16.67 7.64
C ASP A 219 6.95 16.65 6.54
N PRO A 220 5.85 15.90 6.75
CA PRO A 220 4.76 15.95 5.78
C PRO A 220 4.03 17.29 5.82
N VAL A 221 3.44 17.68 4.70
CA VAL A 221 2.44 18.74 4.70
C VAL A 221 1.11 18.11 5.16
N THR A 222 0.56 18.63 6.25
CA THR A 222 -0.76 18.19 6.74
C THR A 222 -1.57 19.44 7.08
N ASP A 223 -1.88 20.21 6.05
CA ASP A 223 -2.53 21.53 6.21
C ASP A 223 -4.03 21.44 6.02
N LYS A 224 -4.76 21.73 7.10
CA LYS A 224 -6.20 21.77 7.07
C LYS A 224 -6.69 23.14 6.59
N TYR A 225 -7.59 23.11 5.60
CA TYR A 225 -8.26 24.30 5.09
C TYR A 225 -9.75 24.00 5.12
N THR A 226 -10.58 25.03 5.16
CA THR A 226 -12.00 24.84 4.86
C THR A 226 -12.14 24.75 3.34
N VAL A 227 -13.24 24.18 2.86
CA VAL A 227 -13.52 24.15 1.43
C VAL A 227 -13.44 25.57 0.84
N ALA A 228 -14.04 26.53 1.53
CA ALA A 228 -14.02 27.95 1.12
C ALA A 228 -12.61 28.51 0.93
N GLN A 229 -11.69 28.15 1.83
CA GLN A 229 -10.29 28.60 1.74
C GLN A 229 -9.56 28.13 0.49
N LEU A 230 -9.96 27.00 -0.09
CA LEU A 230 -9.35 26.50 -1.34
C LEU A 230 -9.56 27.45 -2.54
N ARG A 231 -10.54 28.34 -2.45
CA ARG A 231 -10.76 29.38 -3.47
C ARG A 231 -9.78 30.55 -3.36
N GLU A 232 -9.03 30.63 -2.26
CA GLU A 232 -8.03 31.70 -2.08
C GLU A 232 -6.84 31.38 -3.00
N PRO A 233 -6.46 32.30 -3.91
CA PRO A 233 -5.38 31.99 -4.87
C PRO A 233 -4.05 31.56 -4.24
N GLU A 234 -3.72 32.12 -3.08
CA GLU A 234 -2.48 31.81 -2.37
C GLU A 234 -2.48 30.36 -1.88
N ILE A 235 -3.66 29.86 -1.53
CA ILE A 235 -3.83 28.47 -1.07
C ILE A 235 -3.88 27.51 -2.26
N ALA A 236 -4.68 27.83 -3.27
CA ALA A 236 -4.80 26.99 -4.48
C ALA A 236 -3.47 26.72 -5.18
N LYS A 237 -2.59 27.73 -5.24
CA LYS A 237 -1.29 27.57 -5.89
C LYS A 237 -0.32 26.61 -5.17
N ARG A 238 -0.55 26.38 -3.88
CA ARG A 238 0.23 25.39 -3.11
C ARG A 238 -0.05 23.92 -3.53
N VAL A 239 -1.16 23.69 -4.23
CA VAL A 239 -1.55 22.35 -4.68
C VAL A 239 -0.85 22.01 -5.99
N GLY A 240 0.00 20.98 -5.95
CA GLY A 240 0.81 20.57 -7.09
C GLY A 240 0.66 19.10 -7.45
N GLY A 241 1.64 18.62 -8.20
CA GLY A 241 1.65 17.26 -8.72
C GLY A 241 1.79 16.14 -7.71
N VAL A 242 2.27 16.46 -6.50
CA VAL A 242 2.38 15.45 -5.41
C VAL A 242 1.40 15.73 -4.26
N SER A 243 0.33 16.49 -4.55
CA SER A 243 -0.69 16.81 -3.57
C SER A 243 -1.83 15.80 -3.61
N THR A 244 -2.28 15.39 -2.42
CA THR A 244 -3.45 14.55 -2.26
C THR A 244 -4.36 15.23 -1.26
N PHE A 245 -5.67 15.12 -1.46
CA PHE A 245 -6.63 15.63 -0.47
C PHE A 245 -7.26 14.53 0.35
N TYR A 246 -7.36 14.78 1.66
CA TYR A 246 -8.15 13.97 2.56
C TYR A 246 -9.30 14.81 3.09
N ILE A 247 -10.52 14.31 2.94
CA ILE A 247 -11.72 14.96 3.45
C ILE A 247 -12.35 14.05 4.50
N PRO A 248 -12.32 14.48 5.78
CA PRO A 248 -12.84 13.63 6.84
C PRO A 248 -14.36 13.59 6.86
N PRO A 249 -14.94 12.59 7.55
CA PRO A 249 -16.40 12.51 7.63
C PRO A 249 -17.03 13.73 8.33
N LYS A 250 -18.29 13.99 7.97
CA LYS A 250 -19.08 15.08 8.52
C LYS A 250 -19.86 14.60 9.75
N ALA A 251 -20.16 13.30 9.81
CA ALA A 251 -20.97 12.76 10.90
C ALA A 251 -20.75 11.27 11.08
N ARG A 252 -21.24 10.76 12.21
CA ARG A 252 -21.23 9.34 12.51
C ARG A 252 -22.51 8.69 12.02
N LYS A 253 -22.39 7.52 11.42
CA LYS A 253 -23.54 6.80 10.90
C LYS A 253 -24.10 5.89 11.99
N ALA A 254 -25.43 5.84 12.06
CA ALA A 254 -26.13 5.01 13.04
C ALA A 254 -26.08 3.54 12.67
N SER A 255 -26.33 2.70 13.66
CA SER A 255 -26.41 1.26 13.47
C SER A 255 -27.79 0.81 12.99
N ASN A 256 -27.76 -0.26 12.20
CA ASN A 256 -28.95 -0.90 11.60
C ASN A 256 -29.51 -1.92 12.62
N LEU A 257 -30.75 -1.72 13.09
CA LEU A 257 -31.35 -2.61 14.11
C LEU A 257 -31.50 -4.07 13.65
N ASP A 258 -31.90 -4.27 12.40
CA ASP A 258 -32.03 -5.61 11.80
C ASP A 258 -30.71 -6.38 11.88
N ILE A 259 -29.61 -5.70 11.54
CA ILE A 259 -28.29 -6.32 11.57
C ILE A 259 -27.83 -6.56 13.01
N ILE A 260 -28.05 -5.60 13.90
CA ILE A 260 -27.79 -5.79 15.35
C ILE A 260 -28.46 -7.08 15.83
N ARG A 261 -29.72 -7.27 15.44
CA ARG A 261 -30.48 -8.50 15.79
C ARG A 261 -29.92 -9.76 15.16
N ARG A 262 -29.68 -9.73 13.85
CA ARG A 262 -29.18 -10.90 13.12
C ARG A 262 -27.76 -11.32 13.53
N LEU A 263 -26.93 -10.35 13.91
CA LEU A 263 -25.58 -10.63 14.43
C LEU A 263 -25.56 -10.92 15.95
N GLU A 264 -26.71 -10.76 16.61
CA GLU A 264 -26.90 -11.09 18.03
C GLU A 264 -25.97 -10.27 18.92
N LEU A 265 -25.99 -8.96 18.70
CA LEU A 265 -25.22 -7.99 19.49
C LEU A 265 -26.14 -7.26 20.48
N LEU A 266 -27.16 -7.99 20.97
CA LEU A 266 -28.31 -7.38 21.64
C LEU A 266 -28.13 -7.02 23.13
N PRO A 267 -27.69 -7.98 23.97
CA PRO A 267 -27.96 -7.97 25.41
C PRO A 267 -29.25 -7.25 25.87
N ALA A 268 -29.17 -6.16 26.64
CA ALA A 268 -30.35 -5.38 27.05
C ALA A 268 -30.78 -4.30 26.04
N GLY A 269 -30.13 -4.27 24.86
CA GLY A 269 -30.36 -3.25 23.85
C GLY A 269 -29.26 -2.19 23.78
N GLN A 270 -28.30 -2.25 24.70
CA GLN A 270 -27.26 -1.22 24.80
C GLN A 270 -25.99 -1.54 23.99
N VAL A 271 -26.15 -1.46 22.68
CA VAL A 271 -25.04 -1.26 21.74
C VAL A 271 -24.54 0.17 22.02
N PRO A 272 -23.22 0.43 21.88
CA PRO A 272 -22.78 1.83 22.07
C PRO A 272 -23.46 2.81 21.11
N ASP A 273 -23.62 4.06 21.55
CA ASP A 273 -24.14 5.13 20.67
C ASP A 273 -23.32 5.28 19.39
N LYS A 274 -23.88 5.94 18.39
CA LYS A 274 -23.16 6.17 17.14
C LYS A 274 -21.92 7.10 17.31
N LYS A 275 -21.90 7.91 18.38
CA LYS A 275 -20.74 8.76 18.73
C LYS A 275 -19.91 8.23 19.93
N ALA A 276 -20.15 6.98 20.37
CA ALA A 276 -19.46 6.42 21.55
C ALA A 276 -18.12 5.78 21.13
N ARG A 277 -17.18 6.65 20.76
CA ARG A 277 -16.01 6.25 19.96
C ARG A 277 -14.96 5.44 20.71
N ILE A 278 -14.26 4.61 19.95
CA ILE A 278 -13.07 3.91 20.39
C ILE A 278 -11.93 4.94 20.30
N TYR A 279 -11.15 5.07 21.36
CA TYR A 279 -10.00 5.96 21.37
C TYR A 279 -8.94 5.41 20.41
N PRO A 280 -8.30 6.24 19.57
CA PRO A 280 -8.49 7.69 19.51
C PRO A 280 -9.49 8.12 18.45
N ALA A 281 -10.08 9.29 18.65
CA ALA A 281 -10.96 9.90 17.66
C ALA A 281 -10.13 10.44 16.50
N ASN A 282 -10.77 10.51 15.34
CA ASN A 282 -10.20 11.15 14.17
C ASN A 282 -10.08 12.66 14.45
N GLN A 283 -8.85 13.17 14.50
CA GLN A 283 -8.59 14.56 14.89
C GLN A 283 -8.94 15.58 13.80
N TRP A 284 -9.17 15.11 12.58
CA TRP A 284 -9.49 16.00 11.44
C TRP A 284 -10.98 16.27 11.31
N GLU A 285 -11.80 15.39 11.88
CA GLU A 285 -13.25 15.44 11.77
C GLU A 285 -13.78 16.64 12.57
N PRO A 286 -14.69 17.44 11.97
CA PRO A 286 -15.13 18.66 12.65
C PRO A 286 -15.97 18.36 13.89
N ASP A 287 -15.70 19.09 14.96
CA ASP A 287 -16.46 19.00 16.20
C ASP A 287 -16.49 17.57 16.78
N VAL A 288 -15.36 16.88 16.71
CA VAL A 288 -15.22 15.59 17.41
C VAL A 288 -15.00 15.86 18.89
N PRO A 289 -15.76 15.17 19.77
CA PRO A 289 -15.54 15.35 21.20
C PRO A 289 -14.30 14.60 21.66
N GLU A 290 -13.82 14.96 22.84
CA GLU A 290 -12.69 14.28 23.48
C GLU A 290 -13.13 12.86 23.87
N VAL A 291 -12.29 11.88 23.54
CA VAL A 291 -12.53 10.49 23.88
C VAL A 291 -11.52 10.11 24.94
N GLU A 292 -12.01 9.50 26.01
CA GLU A 292 -11.18 9.11 27.16
C GLU A 292 -10.35 7.86 26.81
N PRO A 293 -8.99 7.96 26.86
CA PRO A 293 -8.15 6.77 26.61
C PRO A 293 -8.16 5.74 27.75
N TYR A 294 -8.39 6.19 28.99
CA TYR A 294 -8.33 5.29 30.14
C TYR A 294 -9.68 5.23 30.84
N ARG A 295 -10.63 4.54 30.20
CA ARG A 295 -11.94 4.26 30.81
C ARG A 295 -11.75 3.17 31.87
N PRO A 296 -12.75 2.98 32.76
CA PRO A 296 -12.64 1.91 33.75
C PRO A 296 -12.32 0.52 33.16
N SER A 297 -12.92 0.20 32.02
CA SER A 297 -12.62 -1.05 31.31
C SER A 297 -11.15 -1.14 30.87
N ASP A 298 -10.59 -0.02 30.41
CA ASP A 298 -9.15 0.04 30.05
C ASP A 298 -8.28 -0.18 31.26
N GLN A 299 -8.61 0.51 32.34
CA GLN A 299 -7.86 0.38 33.60
C GLN A 299 -7.89 -1.06 34.14
N ALA A 300 -9.04 -1.71 34.05
CA ALA A 300 -9.17 -3.12 34.48
C ALA A 300 -8.32 -4.07 33.62
N ALA A 301 -8.30 -3.83 32.31
CA ALA A 301 -7.47 -4.63 31.40
C ALA A 301 -5.99 -4.46 31.73
N ILE A 302 -5.57 -3.23 32.01
CA ILE A 302 -4.18 -2.95 32.35
C ILE A 302 -3.81 -3.60 33.70
N ALA A 303 -4.72 -3.56 34.68
CA ALA A 303 -4.50 -4.23 35.96
C ALA A 303 -4.26 -5.75 35.80
N GLN A 304 -4.82 -6.38 34.76
CA GLN A 304 -4.58 -7.82 34.52
C GLN A 304 -3.18 -8.16 34.00
N LEU A 305 -2.41 -7.18 33.53
CA LEU A 305 -1.05 -7.43 33.03
C LEU A 305 -0.08 -8.01 34.05
N ALA A 306 -0.21 -7.62 35.31
CA ALA A 306 0.69 -8.08 36.37
C ALA A 306 0.68 -9.61 36.51
N ASP A 307 -0.51 -10.21 36.43
CA ASP A 307 -0.68 -11.66 36.58
C ASP A 307 -0.74 -12.42 35.25
N HIS A 308 -0.41 -11.77 34.13
CA HIS A 308 -0.55 -12.41 32.82
C HIS A 308 0.47 -13.51 32.60
N ALA A 309 0.00 -14.60 31.99
CA ALA A 309 0.85 -15.68 31.52
C ALA A 309 0.45 -15.99 30.08
N PRO A 310 1.39 -16.49 29.26
CA PRO A 310 0.98 -16.86 27.90
C PRO A 310 -0.15 -17.92 27.96
N PRO A 311 -1.23 -17.73 27.18
CA PRO A 311 -2.31 -18.73 27.18
C PRO A 311 -1.82 -20.12 26.78
N GLU A 312 -2.52 -21.16 27.23
CA GLU A 312 -2.06 -22.52 26.94
C GLU A 312 -2.06 -22.84 25.43
N GLN A 313 -2.92 -22.16 24.65
CA GLN A 313 -3.01 -22.38 23.19
C GLN A 313 -2.12 -21.44 22.34
N TYR A 314 -1.35 -20.57 23.01
CA TYR A 314 -0.37 -19.73 22.33
C TYR A 314 0.77 -20.62 21.80
N GLN A 315 1.27 -20.30 20.60
CA GLN A 315 2.25 -21.14 19.95
C GLN A 315 3.60 -20.43 19.90
N PRO A 316 4.52 -20.78 20.81
CA PRO A 316 5.82 -20.09 20.80
C PRO A 316 6.64 -20.46 19.58
N LEU A 317 7.40 -19.49 19.07
CA LEU A 317 8.38 -19.77 18.05
C LEU A 317 9.39 -20.80 18.56
N ALA A 318 9.69 -21.80 17.74
CA ALA A 318 10.67 -22.83 18.06
C ALA A 318 11.27 -23.27 16.75
N THR A 319 12.23 -22.50 16.29
CA THR A 319 12.86 -22.77 15.01
C THR A 319 14.36 -22.90 15.23
N SER A 320 15.13 -22.83 14.16
CA SER A 320 16.57 -23.01 14.20
C SER A 320 17.18 -21.97 13.28
N LYS A 321 18.46 -21.72 13.45
CA LYS A 321 19.21 -20.82 12.57
C LYS A 321 19.12 -21.29 11.11
N ALA A 322 19.29 -22.58 10.88
CA ALA A 322 19.28 -23.11 9.51
C ALA A 322 17.94 -22.87 8.82
N MET A 323 16.84 -23.07 9.54
CA MET A 323 15.52 -22.88 8.96
C MET A 323 15.20 -21.40 8.76
N SER A 324 15.52 -20.59 9.76
CA SER A 324 15.34 -19.14 9.61
C SER A 324 16.17 -18.63 8.43
N ASP A 325 17.43 -19.09 8.34
CA ASP A 325 18.29 -18.72 7.23
C ASP A 325 17.68 -19.07 5.89
N VAL A 326 17.14 -20.28 5.74
CA VAL A 326 16.61 -20.65 4.42
C VAL A 326 15.32 -19.90 4.08
N MET A 327 14.45 -19.69 5.06
CA MET A 327 13.23 -18.92 4.80
C MET A 327 13.56 -17.46 4.45
N THR A 328 14.56 -16.90 5.11
CA THR A 328 15.06 -15.56 4.76
C THR A 328 15.62 -15.52 3.33
N LYS A 329 16.42 -16.53 2.98
CA LYS A 329 16.97 -16.66 1.63
C LYS A 329 15.89 -16.75 0.55
N LEU A 330 14.85 -17.54 0.80
CA LEU A 330 13.73 -17.64 -0.15
C LEU A 330 13.04 -16.29 -0.36
N ALA A 331 12.94 -15.48 0.70
CA ALA A 331 12.36 -14.14 0.62
C ALA A 331 13.27 -13.12 -0.06
N LEU A 332 14.59 -13.24 0.12
CA LEU A 332 15.52 -12.18 -0.29
C LEU A 332 16.41 -12.50 -1.50
N ASP A 333 16.36 -13.75 -1.97
CA ASP A 333 17.15 -14.18 -3.11
C ASP A 333 16.21 -14.79 -4.16
N PRO A 334 15.78 -13.97 -5.14
CA PRO A 334 14.90 -14.46 -6.22
C PRO A 334 15.42 -15.69 -6.98
N LYS A 335 16.73 -15.84 -7.11
CA LYS A 335 17.31 -17.01 -7.80
C LYS A 335 17.14 -18.28 -6.96
N ALA A 336 17.37 -18.17 -5.64
CA ALA A 336 17.12 -19.28 -4.71
C ALA A 336 15.65 -19.68 -4.71
N LEU A 337 14.75 -18.68 -4.71
CA LEU A 337 13.31 -18.95 -4.78
C LEU A 337 12.93 -19.71 -6.06
N ALA A 338 13.44 -19.24 -7.21
CA ALA A 338 13.19 -19.93 -8.48
C ALA A 338 13.70 -21.37 -8.42
N ASP A 339 14.89 -21.58 -7.88
CA ASP A 339 15.45 -22.93 -7.74
C ASP A 339 14.58 -23.79 -6.84
N TYR A 340 14.15 -23.23 -5.70
CA TYR A 340 13.28 -23.98 -4.80
C TYR A 340 11.94 -24.33 -5.48
N LYS A 341 11.33 -23.36 -6.16
CA LYS A 341 10.05 -23.59 -6.86
C LYS A 341 10.15 -24.64 -7.97
N ALA A 342 11.31 -24.73 -8.62
CA ALA A 342 11.52 -25.69 -9.72
C ALA A 342 11.63 -27.12 -9.20
N ASP A 343 12.21 -27.30 -8.03
CA ASP A 343 12.38 -28.63 -7.45
C ASP A 343 12.54 -28.54 -5.94
N HIS A 344 11.41 -28.59 -5.23
CA HIS A 344 11.40 -28.51 -3.76
C HIS A 344 12.31 -29.52 -3.11
N ARG A 345 12.24 -30.78 -3.57
N ARG A 345 12.28 -30.77 -3.57
CA ARG A 345 13.00 -31.88 -2.97
CA ARG A 345 13.01 -31.85 -2.92
C ARG A 345 14.51 -31.64 -3.09
C ARG A 345 14.52 -31.77 -3.12
N ALA A 346 14.95 -31.43 -4.33
CA ALA A 346 16.37 -31.20 -4.62
C ALA A 346 16.92 -30.00 -3.84
N PHE A 347 16.16 -28.91 -3.82
CA PHE A 347 16.55 -27.73 -3.04
C PHE A 347 16.64 -28.06 -1.55
N ALA A 348 15.57 -28.63 -1.00
CA ALA A 348 15.50 -28.95 0.44
C ALA A 348 16.63 -29.86 0.89
N GLN A 349 16.91 -30.88 0.09
CA GLN A 349 17.99 -31.82 0.40
C GLN A 349 19.40 -31.21 0.33
N SER A 350 19.56 -30.08 -0.39
CA SER A 350 20.84 -29.35 -0.47
C SER A 350 21.09 -28.32 0.64
N VAL A 351 20.07 -28.01 1.45
CA VAL A 351 20.22 -26.99 2.49
C VAL A 351 20.94 -27.60 3.70
N PRO A 352 22.10 -27.02 4.09
CA PRO A 352 22.83 -27.60 5.21
C PRO A 352 22.14 -27.39 6.55
N ASP A 353 22.37 -28.31 7.48
CA ASP A 353 22.01 -28.15 8.90
C ASP A 353 20.51 -28.18 9.26
N LEU A 354 19.63 -28.46 8.29
CA LEU A 354 18.20 -28.59 8.59
C LEU A 354 17.96 -29.87 9.39
N THR A 355 16.98 -29.83 10.30
CA THR A 355 16.51 -31.02 10.99
C THR A 355 15.65 -31.83 10.00
N PRO A 356 15.40 -33.11 10.29
CA PRO A 356 14.51 -33.92 9.45
C PRO A 356 13.14 -33.29 9.20
N GLN A 357 12.53 -32.75 10.24
CA GLN A 357 11.21 -32.11 10.09
C GLN A 357 11.28 -30.89 9.18
N GLU A 358 12.35 -30.11 9.33
CA GLU A 358 12.55 -28.91 8.51
C GLU A 358 12.72 -29.28 7.04
N ARG A 359 13.55 -30.29 6.78
CA ARG A 359 13.77 -30.82 5.44
C ARG A 359 12.45 -31.28 4.82
N ALA A 360 11.69 -32.09 5.57
CA ALA A 360 10.40 -32.61 5.09
C ALA A 360 9.40 -31.49 4.78
N ALA A 361 9.34 -30.49 5.67
CA ALA A 361 8.43 -29.36 5.47
C ALA A 361 8.75 -28.61 4.17
N LEU A 362 10.04 -28.38 3.92
CA LEU A 362 10.47 -27.71 2.67
C LEU A 362 10.22 -28.58 1.43
N GLU A 363 10.48 -29.88 1.55
CA GLU A 363 10.17 -30.81 0.47
C GLU A 363 8.71 -30.71 0.02
N LEU A 364 7.79 -30.61 0.99
CA LEU A 364 6.36 -30.49 0.69
C LEU A 364 6.00 -29.10 0.20
N GLY A 365 6.51 -28.08 0.91
CA GLY A 365 6.18 -26.69 0.63
C GLY A 365 4.86 -26.20 1.23
N ASP A 366 4.08 -27.09 1.85
CA ASP A 366 2.81 -26.71 2.46
C ASP A 366 3.03 -25.75 3.63
N SER A 367 2.26 -24.67 3.64
CA SER A 367 2.29 -23.66 4.70
C SER A 367 2.17 -24.25 6.10
N TRP A 368 1.22 -25.18 6.27
CA TRP A 368 1.03 -25.90 7.53
C TRP A 368 2.30 -26.58 8.01
N ALA A 369 2.94 -27.34 7.12
CA ALA A 369 4.13 -28.10 7.47
C ALA A 369 5.27 -27.18 7.91
N ILE A 370 5.44 -26.08 7.18
CA ILE A 370 6.47 -25.08 7.51
C ILE A 370 6.15 -24.40 8.85
N ARG A 371 4.91 -23.94 9.00
N ARG A 371 4.91 -23.95 9.00
CA ARG A 371 4.46 -23.33 10.26
CA ARG A 371 4.47 -23.32 10.24
C ARG A 371 4.67 -24.28 11.42
C ARG A 371 4.61 -24.26 11.44
N CYS A 372 4.29 -25.53 11.20
CA CYS A 372 4.49 -26.60 12.16
C CYS A 372 5.96 -26.85 12.56
N ALA A 373 6.86 -26.78 11.60
CA ALA A 373 8.29 -26.94 11.87
C ALA A 373 8.90 -25.77 12.65
N MET A 374 8.27 -24.60 12.59
CA MET A 374 8.82 -23.36 13.15
C MET A 374 8.14 -22.88 14.45
N LYS A 375 7.00 -23.47 14.81
CA LYS A 375 6.24 -23.09 16.01
C LYS A 375 5.89 -24.33 16.81
N ASN A 376 5.99 -24.24 18.13
CA ASN A 376 5.50 -25.32 19.00
C ASN A 376 3.99 -25.21 19.12
N MET A 377 3.28 -26.20 18.59
CA MET A 377 1.82 -26.24 18.64
C MET A 377 1.43 -27.04 19.91
N PRO A 378 0.82 -26.37 20.92
CA PRO A 378 0.47 -27.07 22.18
C PRO A 378 -0.61 -28.13 22.00
N SER A 379 -0.59 -29.18 22.83
CA SER A 379 -1.60 -30.25 22.71
C SER A 379 -3.02 -29.72 22.93
N SER A 380 -3.17 -28.75 23.83
CA SER A 380 -4.45 -28.08 24.09
C SER A 380 -5.06 -27.47 22.84
N LEU A 381 -4.21 -26.86 22.02
CA LEU A 381 -4.64 -26.25 20.75
C LEU A 381 -5.25 -27.28 19.79
N LEU A 382 -4.49 -28.33 19.51
CA LEU A 382 -4.90 -29.35 18.52
C LEU A 382 -6.11 -30.18 18.96
N ASP A 383 -6.31 -30.32 20.27
CA ASP A 383 -7.49 -31.02 20.82
C ASP A 383 -8.80 -30.24 20.61
N ALA A 384 -8.74 -28.90 20.69
CA ALA A 384 -9.91 -28.05 20.46
C ALA A 384 -10.41 -28.16 19.02
N ALA A 385 -9.53 -27.85 18.07
CA ALA A 385 -9.78 -28.11 16.63
C ALA A 385 -8.50 -27.99 15.81
N PHE A 397 -6.82 -20.71 9.63
CA PHE A 397 -6.11 -21.09 10.85
C PHE A 397 -4.97 -20.13 11.31
N PRO A 398 -4.63 -19.07 10.54
CA PRO A 398 -3.60 -18.16 11.11
C PRO A 398 -4.14 -17.24 12.22
N ALA A 399 -5.22 -16.51 11.91
CA ALA A 399 -5.99 -15.71 12.90
C ALA A 399 -5.23 -14.55 13.56
N VAL A 402 -6.58 -7.50 14.19
CA VAL A 402 -6.11 -6.44 15.08
C VAL A 402 -7.03 -5.19 15.03
N VAL A 403 -8.23 -5.25 14.41
CA VAL A 403 -9.27 -4.16 14.50
C VAL A 403 -10.64 -4.69 14.97
N GLY A 404 -11.33 -3.93 15.81
CA GLY A 404 -12.54 -4.42 16.49
C GLY A 404 -13.72 -3.47 16.41
N VAL A 405 -14.11 -3.11 15.19
CA VAL A 405 -15.20 -2.16 14.94
C VAL A 405 -16.31 -2.80 14.08
#